data_2AKJ
#
_entry.id   2AKJ
#
_cell.length_a   128.97
_cell.length_b   128.97
_cell.length_c   120.95
_cell.angle_alpha   90.00
_cell.angle_beta   90.00
_cell.angle_gamma   90.00
#
_symmetry.space_group_name_H-M   'P 41 21 2'
#
loop_
_entity.id
_entity.type
_entity.pdbx_description
1 polymer 'Ferredoxin--nitrite reductase, chloroplast'
2 non-polymer 'IRON/SULFUR CLUSTER'
3 non-polymer SIROHEME
4 water water
#
_entity_poly.entity_id   1
_entity_poly.type   'polypeptide(L)'
_entity_poly.pdbx_seq_one_letter_code
;MHHHHHHSSGLVPRGSGMKETAAAKFERQHMDSPDLGTDDDDKAMGCQKAVSPAAETAAVSPSVDAARLEPRVEERDGFW
VLKEEFRSGINPAEKVKIEKDPMKLFIEDGISDLATLSMEEVDKSKHNKDDIDVRLKWLGLFHRRKHHYGRFMMRLKLPN
GVTTSEQTRYLASVIKKYGKDGCADVTTRQNWQIRGVVLPDVPEIIKGLESVGLTSLQSGMDNVRNPVGNPLAGIDPHEI
VDTRPFTNLISQFVTANSRGNLSITNLPRKWNPCVIGSHDLYEHPHINDLAYMPATKNGKFGFNLLVGGFFSIKRCEEAI
PLDAWVSAEDVVPVCKAMLEAFRDLGFRGNRQKCRMMWLIDELGMEAFRGEVEKRMPEQVLERASSEELVQKDWERREYL
GVHPQKQQGLSFVGLHIPVGRLQADEMEELARIADVYGSGELRLTVEQNIIIPNVENSKIDSLLNEPLLKERYSPEPPIL
MKGLVACTGSQFCGQAIIETKARALKVTEEVQRLVSVTRPVRMHWTGCPNSCGQVQVADIGFMGCMTRDENGKPCEGADV
FVGGRIGSDSHLGDIYKKAVPCKDLVPVVAEILINQFGAVPREREEAE
;
_entity_poly.pdbx_strand_id   A
#
loop_
_chem_comp.id
_chem_comp.type
_chem_comp.name
_chem_comp.formula
SF4 non-polymer 'IRON/SULFUR CLUSTER' 'Fe4 S4'
SRM non-polymer SIROHEME 'C42 H44 Fe N4 O16'
#
# COMPACT_ATOMS: atom_id res chain seq x y z
N ARG A 68 4.79 26.65 22.02
CA ARG A 68 4.69 25.75 20.83
C ARG A 68 5.67 24.61 21.03
N LEU A 69 5.42 23.49 20.33
CA LEU A 69 6.08 22.17 20.57
C LEU A 69 5.65 21.50 21.90
N GLU A 70 4.55 21.97 22.48
CA GLU A 70 3.85 21.32 23.57
C GLU A 70 2.78 20.38 22.97
N PRO A 71 2.74 19.11 23.40
CA PRO A 71 1.85 18.10 22.78
C PRO A 71 0.40 18.56 22.75
N ARG A 72 -0.25 18.46 21.60
CA ARG A 72 -1.61 19.00 21.48
C ARG A 72 -2.72 17.98 21.66
N VAL A 73 -2.34 16.79 22.11
CA VAL A 73 -3.30 15.73 22.38
C VAL A 73 -2.96 15.02 23.68
N GLU A 74 -3.96 14.75 24.51
CA GLU A 74 -3.79 14.02 25.76
C GLU A 74 -4.76 12.83 25.88
N GLU A 75 -4.43 11.92 26.77
CA GLU A 75 -5.28 10.77 27.06
C GLU A 75 -6.47 11.18 27.95
N ARG A 76 -7.68 10.89 27.50
CA ARG A 76 -8.89 11.10 28.31
C ARG A 76 -9.77 9.86 28.27
N ASP A 77 -10.00 9.25 29.44
CA ASP A 77 -10.88 8.05 29.56
C ASP A 77 -10.52 6.92 28.56
N GLY A 78 -9.23 6.82 28.23
CA GLY A 78 -8.74 5.73 27.39
C GLY A 78 -8.49 6.08 25.94
N PHE A 79 -9.11 7.17 25.45
CA PHE A 79 -8.94 7.59 24.06
C PHE A 79 -8.10 8.83 23.96
N TRP A 80 -7.51 9.05 22.79
CA TRP A 80 -6.66 10.23 22.64
C TRP A 80 -7.45 11.34 21.96
N VAL A 81 -7.34 12.56 22.49
CA VAL A 81 -8.10 13.70 21.90
C VAL A 81 -7.34 15.02 21.86
N LEU A 82 -7.58 15.78 20.79
CA LEU A 82 -6.93 17.05 20.54
C LEU A 82 -7.43 18.01 21.59
N LYS A 83 -6.54 18.66 22.33
CA LYS A 83 -6.98 19.57 23.40
C LYS A 83 -7.82 20.73 22.83
N GLU A 84 -8.64 21.35 23.68
CA GLU A 84 -9.52 22.45 23.29
C GLU A 84 -8.78 23.62 22.69
N GLU A 85 -7.70 24.04 23.33
CA GLU A 85 -7.00 25.24 22.89
C GLU A 85 -6.25 25.10 21.56
N PHE A 86 -6.22 23.89 20.99
CA PHE A 86 -5.52 23.69 19.73
C PHE A 86 -6.50 23.30 18.67
N ARG A 87 -7.73 23.78 18.83
CA ARG A 87 -8.85 23.38 18.01
C ARG A 87 -9.15 24.37 16.87
N SER A 88 -8.30 25.39 16.72
CA SER A 88 -8.56 26.53 15.84
C SER A 88 -8.88 26.24 14.38
N GLY A 89 -7.87 25.91 13.59
CA GLY A 89 -8.10 25.82 12.14
C GLY A 89 -8.58 24.47 11.63
N ILE A 90 -8.93 23.59 12.57
CA ILE A 90 -8.95 22.18 12.29
C ILE A 90 -10.00 21.81 11.24
N ASN A 91 -9.66 20.82 10.41
CA ASN A 91 -10.42 20.41 9.24
C ASN A 91 -11.58 19.47 9.60
N PRO A 92 -12.45 19.15 8.63
CA PRO A 92 -13.63 18.35 8.89
C PRO A 92 -13.36 16.98 9.50
N ALA A 93 -12.32 16.30 9.01
CA ALA A 93 -11.89 15.03 9.64
C ALA A 93 -11.57 15.20 11.13
N GLU A 94 -10.88 16.28 11.48
CA GLU A 94 -10.56 16.54 12.88
C GLU A 94 -11.80 16.79 13.75
N LYS A 95 -12.85 17.34 13.16
CA LYS A 95 -14.15 17.55 13.83
C LYS A 95 -14.92 16.24 14.06
N VAL A 96 -14.79 15.32 13.11
CA VAL A 96 -15.40 13.99 13.17
C VAL A 96 -14.75 13.19 14.30
N LYS A 97 -13.43 13.21 14.33
CA LYS A 97 -12.67 12.50 15.37
C LYS A 97 -13.06 12.98 16.76
N ILE A 98 -13.24 14.28 16.89
CA ILE A 98 -13.62 14.86 18.17
C ILE A 98 -15.04 14.43 18.60
N GLU A 99 -15.98 14.50 17.66
CA GLU A 99 -17.36 14.16 17.95
C GLU A 99 -17.53 12.76 18.47
N LYS A 100 -16.69 11.84 18.00
CA LYS A 100 -16.66 10.47 18.51
C LYS A 100 -15.46 9.74 17.92
N ASP A 101 -14.51 9.37 18.78
CA ASP A 101 -13.35 8.60 18.38
C ASP A 101 -13.80 7.42 17.56
N PRO A 102 -13.23 7.24 16.37
CA PRO A 102 -13.74 6.24 15.44
C PRO A 102 -13.53 4.82 15.96
N MET A 103 -12.54 4.65 16.82
CA MET A 103 -12.25 3.36 17.41
C MET A 103 -13.38 2.87 18.31
N LYS A 104 -14.28 3.77 18.69
CA LYS A 104 -15.41 3.38 19.53
C LYS A 104 -16.33 2.44 18.76
N LEU A 105 -16.21 2.44 17.44
CA LEU A 105 -17.01 1.57 16.59
C LEU A 105 -16.64 0.12 16.80
N PHE A 106 -15.38 -0.09 17.15
CA PHE A 106 -14.85 -1.42 17.41
C PHE A 106 -14.79 -1.72 18.91
N ILE A 107 -14.23 -0.79 19.69
CA ILE A 107 -14.06 -0.93 21.15
C ILE A 107 -15.38 -0.97 21.95
N GLU A 108 -16.27 -0.01 21.70
CA GLU A 108 -17.60 -0.01 22.32
C GLU A 108 -18.65 -0.76 21.48
N ASP A 109 -18.19 -1.60 20.54
CA ASP A 109 -19.06 -2.34 19.62
C ASP A 109 -20.13 -1.53 18.86
N GLY A 110 -19.85 -0.23 18.66
CA GLY A 110 -20.74 0.65 17.91
C GLY A 110 -21.09 0.01 16.58
N ILE A 111 -20.21 -0.90 16.14
CA ILE A 111 -20.34 -1.61 14.87
C ILE A 111 -21.57 -2.51 14.82
N SER A 112 -21.99 -3.05 15.96
CA SER A 112 -23.15 -3.95 15.94
C SER A 112 -24.40 -3.16 15.60
N ASP A 113 -24.50 -1.94 16.15
CA ASP A 113 -25.59 -1.01 15.85
C ASP A 113 -25.57 -0.48 14.42
N LEU A 114 -24.37 -0.28 13.89
CA LEU A 114 -24.26 0.10 12.49
C LEU A 114 -24.80 -0.99 11.54
N ALA A 115 -24.55 -2.27 11.82
CA ALA A 115 -25.08 -3.36 10.96
C ALA A 115 -26.61 -3.47 10.96
N THR A 116 -27.27 -2.70 11.83
CA THR A 116 -28.73 -2.65 11.94
C THR A 116 -29.27 -1.78 10.83
N LEU A 117 -28.79 -0.53 10.81
CA LEU A 117 -29.31 0.51 9.95
C LEU A 117 -29.42 0.05 8.49
N SER A 118 -30.58 0.33 7.90
CA SER A 118 -30.72 0.29 6.46
C SER A 118 -30.01 1.55 5.98
N MET A 119 -29.64 1.56 4.69
CA MET A 119 -28.99 2.73 4.10
C MET A 119 -29.83 4.01 4.21
N GLU A 120 -31.15 3.88 4.01
CA GLU A 120 -32.10 4.98 4.24
C GLU A 120 -31.91 5.67 5.60
N GLU A 121 -31.74 4.84 6.65
CA GLU A 121 -31.60 5.32 8.04
C GLU A 121 -30.26 5.96 8.24
N VAL A 122 -29.23 5.37 7.64
CA VAL A 122 -27.86 5.91 7.70
C VAL A 122 -27.80 7.33 7.17
N ASP A 123 -28.37 7.56 5.98
CA ASP A 123 -28.25 8.84 5.30
C ASP A 123 -29.18 9.89 5.84
N LYS A 124 -30.06 9.48 6.75
CA LYS A 124 -31.06 10.35 7.36
C LYS A 124 -30.43 11.34 8.36
N SER A 125 -29.20 11.05 8.82
CA SER A 125 -28.54 11.85 9.86
C SER A 125 -27.05 12.00 9.63
N LYS A 126 -26.55 13.20 9.91
CA LYS A 126 -25.15 13.55 9.72
C LYS A 126 -24.16 12.65 10.49
N HIS A 127 -24.55 12.22 11.69
CA HIS A 127 -23.70 11.37 12.56
C HIS A 127 -23.51 9.95 11.99
N ASN A 128 -24.61 9.35 11.54
CA ASN A 128 -24.53 8.05 10.91
C ASN A 128 -23.74 8.10 9.61
N LYS A 129 -23.92 9.16 8.83
CA LYS A 129 -23.17 9.34 7.59
C LYS A 129 -21.66 9.57 7.79
N ASP A 130 -21.25 10.12 8.93
CA ASP A 130 -19.83 10.16 9.28
C ASP A 130 -19.28 8.78 9.62
N ASP A 131 -20.05 8.04 10.41
CA ASP A 131 -19.65 6.71 10.79
C ASP A 131 -19.39 5.87 9.55
N ILE A 132 -20.35 5.85 8.63
CA ILE A 132 -20.28 4.98 7.46
C ILE A 132 -19.13 5.37 6.54
N ASP A 133 -18.94 6.68 6.41
CA ASP A 133 -18.08 7.20 5.38
C ASP A 133 -16.69 7.56 5.83
N VAL A 134 -16.49 7.66 7.13
CA VAL A 134 -15.21 8.11 7.65
C VAL A 134 -14.76 7.22 8.80
N ARG A 135 -15.43 7.35 9.94
CA ARG A 135 -15.11 6.57 11.14
C ARG A 135 -14.84 5.10 10.80
N LEU A 136 -15.72 4.48 10.03
CA LEU A 136 -15.59 3.08 9.65
C LEU A 136 -14.24 2.73 9.00
N LYS A 137 -13.53 3.71 8.47
CA LYS A 137 -12.21 3.42 7.89
C LYS A 137 -11.22 2.88 8.91
N TRP A 138 -11.38 3.24 10.19
CA TRP A 138 -10.52 2.68 11.23
C TRP A 138 -10.73 1.17 11.42
N LEU A 139 -11.86 0.64 10.97
CA LEU A 139 -12.11 -0.80 10.99
C LEU A 139 -11.90 -1.35 9.59
N GLY A 140 -11.22 -0.54 8.76
CA GLY A 140 -10.80 -0.92 7.41
C GLY A 140 -11.94 -1.09 6.45
N LEU A 141 -13.08 -0.46 6.76
CA LEU A 141 -14.25 -0.58 5.92
C LEU A 141 -14.52 0.76 5.28
N PHE A 142 -14.52 0.74 3.96
CA PHE A 142 -14.57 1.91 3.13
C PHE A 142 -15.87 1.86 2.37
N HIS A 143 -16.73 2.85 2.58
CA HIS A 143 -17.99 2.92 1.86
C HIS A 143 -17.77 3.45 0.45
N ARG A 144 -18.18 2.70 -0.57
CA ARG A 144 -18.05 3.21 -1.93
C ARG A 144 -19.38 3.86 -2.28
N ARG A 145 -19.53 5.08 -1.77
CA ARG A 145 -20.78 5.81 -1.91
C ARG A 145 -21.08 5.99 -3.38
N LYS A 146 -20.18 6.64 -4.11
CA LYS A 146 -20.47 7.08 -5.46
C LYS A 146 -20.66 5.89 -6.41
N HIS A 147 -20.00 4.75 -6.16
CA HIS A 147 -19.98 3.68 -7.17
C HIS A 147 -20.51 2.30 -6.80
N HIS A 148 -20.80 2.08 -5.53
CA HIS A 148 -21.18 0.76 -5.06
C HIS A 148 -22.06 0.97 -3.84
N TYR A 149 -22.83 2.06 -3.90
CA TYR A 149 -23.71 2.50 -2.83
C TYR A 149 -24.13 1.35 -1.94
N GLY A 150 -23.98 1.55 -0.64
CA GLY A 150 -24.38 0.57 0.36
C GLY A 150 -23.47 -0.64 0.46
N ARG A 151 -22.40 -0.63 -0.34
CA ARG A 151 -21.42 -1.72 -0.28
C ARG A 151 -20.04 -1.21 0.09
N PHE A 152 -19.19 -2.10 0.56
CA PHE A 152 -17.96 -1.63 1.15
C PHE A 152 -16.74 -2.32 0.59
N MET A 153 -15.63 -1.62 0.65
CA MET A 153 -14.38 -2.23 0.34
C MET A 153 -13.65 -2.41 1.66
N MET A 154 -13.11 -3.60 1.89
CA MET A 154 -12.44 -3.90 3.15
C MET A 154 -10.96 -4.18 2.99
N ARG A 155 -10.19 -3.40 3.75
CA ARG A 155 -8.73 -3.40 3.66
C ARG A 155 -8.15 -4.05 4.88
N LEU A 156 -7.09 -4.80 4.64
CA LEU A 156 -6.53 -5.64 5.67
C LEU A 156 -5.26 -5.10 6.29
N LYS A 157 -4.71 -5.94 7.13
CA LYS A 157 -3.41 -5.75 7.68
C LYS A 157 -2.67 -6.99 7.28
N LEU A 158 -1.64 -6.81 6.46
CA LEU A 158 -0.86 -7.92 5.93
C LEU A 158 0.63 -7.58 5.86
N PRO A 159 1.33 -7.60 7.01
CA PRO A 159 2.74 -7.24 7.03
C PRO A 159 3.46 -8.09 6.02
N ASN A 160 4.22 -7.45 5.14
CA ASN A 160 5.07 -8.19 4.19
C ASN A 160 4.45 -8.81 2.97
N GLY A 161 3.12 -8.83 2.91
CA GLY A 161 2.42 -9.43 1.78
C GLY A 161 2.22 -10.92 1.97
N VAL A 162 2.59 -11.42 3.12
CA VAL A 162 2.45 -12.85 3.44
C VAL A 162 1.03 -13.21 3.82
N THR A 163 0.43 -14.10 3.06
CA THR A 163 -0.89 -14.61 3.39
C THR A 163 -0.92 -16.12 3.23
N THR A 164 -1.68 -16.79 4.09
CA THR A 164 -1.78 -18.25 4.03
C THR A 164 -2.92 -18.64 3.12
N SER A 165 -2.86 -19.87 2.60
CA SER A 165 -3.97 -20.41 1.79
C SER A 165 -5.31 -20.49 2.55
N GLU A 166 -5.28 -20.59 3.87
CA GLU A 166 -6.51 -20.51 4.62
C GLU A 166 -7.06 -19.10 4.54
N GLN A 167 -6.19 -18.12 4.65
CA GLN A 167 -6.66 -16.75 4.57
C GLN A 167 -7.28 -16.48 3.22
N THR A 168 -6.56 -16.79 2.13
CA THR A 168 -7.05 -16.37 0.82
C THR A 168 -8.34 -17.12 0.45
N ARG A 169 -8.42 -18.34 0.97
CA ARG A 169 -9.59 -19.19 0.82
C ARG A 169 -10.73 -18.57 1.57
N TYR A 170 -10.49 -18.23 2.84
CA TYR A 170 -11.53 -17.61 3.63
C TYR A 170 -12.00 -16.33 2.95
N LEU A 171 -11.08 -15.60 2.34
CA LEU A 171 -11.43 -14.37 1.64
C LEU A 171 -12.30 -14.66 0.44
N ALA A 172 -11.92 -15.67 -0.32
CA ALA A 172 -12.67 -16.06 -1.49
C ALA A 172 -14.10 -16.40 -1.10
N SER A 173 -14.29 -16.95 0.10
CA SER A 173 -15.62 -17.38 0.47
C SER A 173 -16.50 -16.19 0.87
N VAL A 174 -15.91 -15.17 1.49
CA VAL A 174 -16.64 -13.94 1.77
C VAL A 174 -17.05 -13.28 0.46
N ILE A 175 -16.14 -13.29 -0.51
CA ILE A 175 -16.39 -12.71 -1.83
C ILE A 175 -17.55 -13.37 -2.59
N LYS A 176 -17.47 -14.70 -2.80
CA LYS A 176 -18.55 -15.52 -3.36
C LYS A 176 -19.95 -14.98 -3.10
N LYS A 177 -20.23 -14.64 -1.84
CA LYS A 177 -21.59 -14.29 -1.44
C LYS A 177 -22.25 -13.17 -2.25
N TYR A 178 -21.46 -12.44 -3.05
CA TYR A 178 -21.96 -11.27 -3.79
C TYR A 178 -21.92 -11.43 -5.32
N GLY A 179 -21.57 -12.63 -5.77
CA GLY A 179 -21.49 -12.92 -7.20
C GLY A 179 -20.87 -11.77 -7.96
N LYS A 180 -21.63 -11.24 -8.93
CA LYS A 180 -21.18 -10.18 -9.82
C LYS A 180 -20.61 -8.96 -9.06
N ASP A 181 -20.91 -8.86 -7.76
CA ASP A 181 -20.52 -7.74 -6.91
C ASP A 181 -19.41 -8.00 -5.89
N GLY A 182 -18.81 -9.17 -5.94
CA GLY A 182 -17.62 -9.42 -5.19
C GLY A 182 -16.44 -9.54 -6.14
N CYS A 183 -15.34 -8.91 -5.78
CA CYS A 183 -14.03 -9.29 -6.31
C CYS A 183 -12.97 -8.94 -5.26
N ALA A 184 -11.70 -9.24 -5.55
CA ALA A 184 -10.60 -8.89 -4.66
C ALA A 184 -9.49 -8.16 -5.43
N ASP A 185 -8.52 -7.57 -4.71
CA ASP A 185 -7.40 -6.85 -5.34
C ASP A 185 -6.17 -6.95 -4.51
N VAL A 186 -5.01 -7.17 -5.15
CA VAL A 186 -3.73 -7.00 -4.47
C VAL A 186 -3.37 -5.52 -4.54
N THR A 187 -3.09 -4.85 -3.41
CA THR A 187 -2.84 -3.41 -3.49
C THR A 187 -1.36 -3.17 -3.65
N THR A 188 -1.02 -1.89 -3.80
CA THR A 188 0.36 -1.47 -4.01
C THR A 188 1.08 -1.34 -2.68
N ARG A 189 0.50 -1.89 -1.62
CA ARG A 189 1.28 -2.14 -0.42
C ARG A 189 1.12 -3.62 -0.11
N GLN A 190 1.17 -4.45 -1.15
CA GLN A 190 1.05 -5.91 -1.03
C GLN A 190 0.00 -6.32 0.00
N ASN A 191 -1.20 -5.78 -0.13
CA ASN A 191 -2.26 -5.95 0.84
C ASN A 191 -3.44 -6.54 0.10
N TRP A 192 -4.38 -7.17 0.82
CA TRP A 192 -5.64 -7.63 0.22
C TRP A 192 -6.68 -6.54 0.33
N GLN A 193 -7.48 -6.36 -0.73
CA GLN A 193 -8.75 -5.67 -0.60
C GLN A 193 -9.79 -6.62 -1.07
N ILE A 194 -10.85 -6.66 -0.28
CA ILE A 194 -11.99 -7.48 -0.52
C ILE A 194 -13.05 -6.48 -0.99
N ARG A 195 -13.97 -6.91 -1.85
CA ARG A 195 -15.01 -5.96 -2.30
C ARG A 195 -16.38 -6.51 -2.18
N GLY A 196 -17.35 -5.63 -2.01
CA GLY A 196 -18.77 -5.98 -2.05
C GLY A 196 -19.53 -6.01 -0.74
N VAL A 197 -18.80 -6.04 0.39
CA VAL A 197 -19.45 -6.35 1.66
C VAL A 197 -20.56 -5.36 2.00
N VAL A 198 -21.48 -5.81 2.84
CA VAL A 198 -22.54 -4.96 3.34
C VAL A 198 -22.52 -5.01 4.84
N LEU A 199 -22.96 -3.93 5.47
CA LEU A 199 -22.89 -3.85 6.92
C LEU A 199 -23.37 -5.11 7.70
N PRO A 200 -24.57 -5.62 7.41
CA PRO A 200 -25.03 -6.81 8.10
C PRO A 200 -23.98 -7.90 8.19
N ASP A 201 -23.03 -7.93 7.25
CA ASP A 201 -22.03 -9.01 7.23
C ASP A 201 -20.79 -8.77 8.08
N VAL A 202 -20.52 -7.52 8.40
CA VAL A 202 -19.28 -7.12 9.05
C VAL A 202 -18.97 -7.86 10.35
N PRO A 203 -19.91 -8.00 11.26
CA PRO A 203 -19.60 -8.60 12.54
C PRO A 203 -19.15 -10.03 12.33
N GLU A 204 -19.76 -10.71 11.37
CA GLU A 204 -19.40 -12.07 11.03
C GLU A 204 -18.08 -12.13 10.27
N ILE A 205 -17.76 -11.09 9.52
CA ILE A 205 -16.51 -11.08 8.77
C ILE A 205 -15.33 -10.75 9.66
N ILE A 206 -15.56 -9.97 10.71
CA ILE A 206 -14.44 -9.63 11.60
C ILE A 206 -14.02 -10.87 12.36
N LYS A 207 -15.00 -11.58 12.92
CA LYS A 207 -14.74 -12.88 13.54
C LYS A 207 -14.02 -13.80 12.56
N GLY A 208 -14.50 -13.82 11.32
CA GLY A 208 -13.88 -14.64 10.25
C GLY A 208 -12.41 -14.35 9.98
N LEU A 209 -12.07 -13.07 9.89
CA LEU A 209 -10.70 -12.63 9.64
C LEU A 209 -9.80 -12.91 10.83
N GLU A 210 -10.32 -12.72 12.03
CA GLU A 210 -9.52 -12.97 13.20
C GLU A 210 -9.16 -14.47 13.30
N SER A 211 -10.12 -15.32 12.98
CA SER A 211 -9.98 -16.78 13.13
C SER A 211 -8.99 -17.43 12.17
N VAL A 212 -8.40 -16.62 11.28
CA VAL A 212 -7.42 -17.10 10.28
C VAL A 212 -6.14 -16.29 10.25
N GLY A 213 -6.03 -15.30 11.13
CA GLY A 213 -4.80 -14.51 11.28
C GLY A 213 -4.89 -13.02 10.99
N LEU A 214 -5.94 -12.59 10.27
CA LEU A 214 -6.03 -11.21 9.77
C LEU A 214 -6.87 -10.26 10.64
N THR A 215 -6.66 -8.95 10.48
CA THR A 215 -7.45 -8.00 11.25
C THR A 215 -8.07 -6.81 10.54
N SER A 216 -7.50 -6.35 9.44
CA SER A 216 -8.15 -5.17 8.81
C SER A 216 -8.38 -3.95 9.74
N LEU A 217 -7.89 -4.00 10.97
CA LEU A 217 -7.92 -2.87 11.88
C LEU A 217 -6.99 -1.72 11.43
N GLN A 218 -7.40 -0.50 11.71
CA GLN A 218 -6.62 0.71 11.35
C GLN A 218 -6.01 0.76 9.94
N SER A 219 -6.67 0.23 8.91
CA SER A 219 -6.05 0.22 7.58
C SER A 219 -6.28 1.50 6.77
N GLY A 220 -7.02 2.46 7.33
CA GLY A 220 -7.69 3.48 6.53
C GLY A 220 -7.52 4.99 6.61
N MET A 221 -7.47 5.58 7.77
CA MET A 221 -7.47 7.05 7.66
C MET A 221 -6.22 7.60 8.20
N ASP A 222 -6.25 7.94 9.48
CA ASP A 222 -5.10 8.54 10.06
C ASP A 222 -4.55 7.52 10.99
N ASN A 223 -4.13 6.43 10.39
CA ASN A 223 -3.47 5.34 11.08
C ASN A 223 -2.20 4.94 10.35
N VAL A 224 -1.52 3.96 10.90
CA VAL A 224 -0.30 3.46 10.31
C VAL A 224 -0.77 2.45 9.29
N ARG A 225 -0.28 2.56 8.08
CA ARG A 225 -0.72 1.67 7.00
C ARG A 225 0.10 0.40 7.00
N ASN A 226 -0.31 -0.56 6.17
CA ASN A 226 0.43 -1.79 5.95
C ASN A 226 1.95 -1.65 5.87
N PRO A 227 2.64 -2.18 6.88
CA PRO A 227 4.10 -2.28 6.81
C PRO A 227 4.54 -3.21 5.67
N VAL A 228 5.26 -2.68 4.68
CA VAL A 228 5.74 -3.50 3.56
C VAL A 228 7.19 -3.91 3.78
N GLY A 229 7.52 -5.12 3.34
CA GLY A 229 8.87 -5.65 3.42
C GLY A 229 9.26 -6.28 2.09
N ASN A 230 10.37 -7.00 2.10
CA ASN A 230 10.83 -7.72 0.94
C ASN A 230 9.89 -8.90 0.69
N PRO A 231 9.36 -8.98 -0.53
CA PRO A 231 8.44 -10.05 -0.92
C PRO A 231 9.11 -11.43 -0.89
N LEU A 232 10.42 -11.44 -0.91
CA LEU A 232 11.16 -12.68 -0.86
C LEU A 232 11.71 -12.95 0.54
N ALA A 233 11.20 -12.22 1.53
CA ALA A 233 11.67 -12.35 2.90
C ALA A 233 11.73 -13.79 3.33
N GLY A 234 12.92 -14.23 3.76
CA GLY A 234 13.13 -15.58 4.28
C GLY A 234 13.27 -16.71 3.28
N ILE A 235 13.12 -16.41 1.98
CA ILE A 235 13.38 -17.41 0.91
C ILE A 235 14.46 -16.96 -0.07
N ASP A 236 14.83 -15.68 0.04
CA ASP A 236 15.69 -14.96 -0.90
C ASP A 236 17.19 -15.33 -0.86
N PRO A 237 17.73 -15.84 -1.98
CA PRO A 237 19.17 -16.08 -2.12
C PRO A 237 20.10 -14.93 -1.76
N HIS A 238 19.72 -13.69 -2.04
CA HIS A 238 20.64 -12.55 -1.81
C HIS A 238 20.16 -11.60 -0.71
N GLU A 239 19.48 -12.17 0.28
CA GLU A 239 18.70 -11.44 1.26
C GLU A 239 19.60 -10.76 2.26
N ILE A 240 19.41 -9.46 2.49
CA ILE A 240 20.19 -8.74 3.50
C ILE A 240 19.72 -9.05 4.91
N VAL A 241 18.42 -9.01 5.15
CA VAL A 241 17.87 -9.37 6.45
C VAL A 241 16.52 -9.89 6.17
N ASP A 242 16.17 -11.03 6.75
CA ASP A 242 14.77 -11.41 6.80
C ASP A 242 13.90 -10.34 7.49
N THR A 243 13.01 -9.84 6.68
CA THR A 243 12.26 -8.66 6.97
C THR A 243 10.99 -9.03 7.76
N ARG A 244 10.65 -10.30 7.78
CA ARG A 244 9.36 -10.72 8.32
C ARG A 244 9.20 -10.27 9.75
N PRO A 245 10.09 -10.67 10.66
CA PRO A 245 9.92 -10.34 12.07
C PRO A 245 9.60 -8.88 12.26
N PHE A 246 10.26 -8.02 11.49
CA PHE A 246 10.18 -6.56 11.70
C PHE A 246 8.85 -5.98 11.25
N THR A 247 8.42 -6.31 10.02
CA THR A 247 7.09 -5.90 9.57
C THR A 247 6.00 -6.43 10.48
N ASN A 248 6.15 -7.68 10.95
CA ASN A 248 5.20 -8.21 11.88
C ASN A 248 5.27 -7.46 13.20
N LEU A 249 6.45 -7.41 13.82
CA LEU A 249 6.65 -6.60 15.02
C LEU A 249 5.93 -5.26 14.85
N ILE A 250 6.19 -4.52 13.78
CA ILE A 250 5.50 -3.25 13.60
C ILE A 250 4.00 -3.44 13.51
N SER A 251 3.53 -4.28 12.60
CA SER A 251 2.09 -4.52 12.49
C SER A 251 1.43 -4.86 13.84
N GLN A 252 2.00 -5.82 14.56
CA GLN A 252 1.48 -6.22 15.86
C GLN A 252 1.50 -5.08 16.86
N PHE A 253 2.54 -4.25 16.80
CA PHE A 253 2.62 -3.11 17.67
C PHE A 253 1.44 -2.18 17.47
N VAL A 254 1.26 -1.74 16.22
CA VAL A 254 0.36 -0.63 15.89
C VAL A 254 -1.08 -1.03 16.13
N THR A 255 -1.34 -2.31 15.93
CA THR A 255 -2.66 -2.85 16.01
C THR A 255 -2.96 -3.34 17.43
N ALA A 256 -1.99 -3.15 18.33
CA ALA A 256 -1.99 -3.72 19.69
C ALA A 256 -2.57 -5.13 19.72
N ASN A 257 -1.98 -6.00 18.90
CA ASN A 257 -2.40 -7.41 18.73
C ASN A 257 -3.88 -7.65 18.38
N SER A 258 -4.35 -6.90 17.40
CA SER A 258 -5.73 -7.01 16.88
C SER A 258 -6.73 -6.46 17.88
N ARG A 259 -6.24 -5.87 18.96
CA ARG A 259 -7.09 -5.35 20.00
C ARG A 259 -7.25 -3.80 19.86
N GLY A 260 -6.32 -3.16 19.14
CA GLY A 260 -6.40 -1.73 18.77
C GLY A 260 -5.58 -0.80 19.65
N ASN A 261 -4.61 -0.08 19.06
CA ASN A 261 -3.77 0.79 19.87
C ASN A 261 -4.21 2.26 19.83
N LEU A 262 -4.98 2.64 20.83
CA LEU A 262 -5.67 3.93 20.81
C LEU A 262 -4.71 5.13 20.87
N SER A 263 -3.51 4.90 21.42
CA SER A 263 -2.51 5.94 21.53
C SER A 263 -2.08 6.40 20.14
N ILE A 264 -2.43 5.61 19.14
CA ILE A 264 -1.83 5.75 17.84
C ILE A 264 -2.85 5.87 16.71
N THR A 265 -4.14 5.82 17.05
CA THR A 265 -5.19 5.96 16.05
C THR A 265 -5.71 7.39 15.93
N ASN A 266 -5.12 8.34 16.65
CA ASN A 266 -5.50 9.72 16.43
C ASN A 266 -4.35 10.53 15.91
N LEU A 267 -3.78 10.09 14.78
CA LEU A 267 -2.73 10.83 14.10
C LEU A 267 -3.38 11.94 13.31
N PRO A 268 -2.62 12.92 12.86
CA PRO A 268 -3.16 13.93 11.96
C PRO A 268 -3.37 13.40 10.55
N ARG A 269 -2.82 12.24 10.24
CA ARG A 269 -2.72 11.81 8.83
C ARG A 269 -2.28 10.33 8.69
N LYS A 270 -2.48 9.75 7.51
CA LYS A 270 -1.91 8.44 7.22
C LYS A 270 -0.39 8.42 7.47
N TRP A 271 0.20 7.22 7.50
CA TRP A 271 1.63 7.07 7.77
C TRP A 271 2.12 5.72 7.24
N ASN A 272 3.02 5.75 6.25
CA ASN A 272 3.50 4.53 5.62
C ASN A 272 4.88 4.19 6.13
N PRO A 273 4.99 3.01 6.76
CA PRO A 273 6.25 2.44 7.16
C PRO A 273 6.71 1.31 6.24
N CYS A 274 8.02 1.08 6.15
CA CYS A 274 8.56 -0.10 5.47
C CYS A 274 9.90 -0.53 6.04
N VAL A 275 10.33 -1.73 5.68
CA VAL A 275 11.54 -2.35 6.21
C VAL A 275 12.27 -3.02 5.04
N ILE A 276 13.53 -2.64 4.83
CA ILE A 276 14.28 -3.08 3.65
C ILE A 276 15.21 -4.26 3.92
N GLY A 277 15.09 -5.29 3.09
CA GLY A 277 15.92 -6.48 3.22
C GLY A 277 16.53 -6.97 1.92
N SER A 278 16.32 -6.21 0.83
CA SER A 278 16.67 -6.65 -0.51
C SER A 278 17.51 -5.58 -1.19
N HIS A 279 18.54 -5.99 -1.90
CA HIS A 279 19.35 -5.00 -2.60
C HIS A 279 18.54 -4.26 -3.70
N ASP A 280 17.48 -4.88 -4.21
CA ASP A 280 16.67 -4.26 -5.27
C ASP A 280 15.78 -3.16 -4.75
N LEU A 281 15.53 -3.17 -3.44
CA LEU A 281 14.68 -2.17 -2.76
C LEU A 281 13.23 -2.22 -3.24
N TYR A 282 12.73 -3.45 -3.35
CA TYR A 282 11.35 -3.77 -3.67
C TYR A 282 10.38 -3.07 -2.74
N GLU A 283 10.89 -2.69 -1.56
CA GLU A 283 10.08 -2.09 -0.51
C GLU A 283 9.99 -0.57 -0.68
N HIS A 284 10.63 -0.05 -1.73
CA HIS A 284 10.55 1.35 -2.09
C HIS A 284 10.70 2.26 -0.87
N PRO A 285 11.88 2.28 -0.25
CA PRO A 285 12.05 3.03 0.99
C PRO A 285 11.85 4.53 0.76
N HIS A 286 12.15 5.00 -0.43
CA HIS A 286 12.17 6.44 -0.70
C HIS A 286 10.79 7.06 -0.66
N ILE A 287 9.75 6.23 -0.54
CA ILE A 287 8.34 6.64 -0.75
C ILE A 287 7.50 6.46 0.54
N ASN A 288 8.20 6.22 1.66
CA ASN A 288 7.57 5.95 2.94
C ASN A 288 7.82 7.06 3.97
N ASP A 289 6.88 7.22 4.92
CA ASP A 289 7.08 8.16 6.02
C ASP A 289 8.26 7.68 6.85
N LEU A 290 8.32 6.38 7.14
CA LEU A 290 9.48 5.80 7.81
C LEU A 290 10.00 4.54 7.13
N ALA A 291 11.27 4.57 6.77
CA ALA A 291 11.92 3.50 6.04
C ALA A 291 13.13 3.02 6.80
N TYR A 292 13.08 1.77 7.26
CA TYR A 292 14.20 1.14 7.96
C TYR A 292 15.20 0.56 6.95
N MET A 293 16.43 1.06 6.97
CA MET A 293 17.49 0.69 6.02
C MET A 293 18.65 -0.05 6.67
N PRO A 294 18.87 -1.31 6.28
CA PRO A 294 19.85 -2.19 6.94
C PRO A 294 21.28 -1.65 6.93
N ALA A 295 21.89 -1.62 8.11
CA ALA A 295 23.26 -1.14 8.32
C ALA A 295 23.73 -1.67 9.69
N THR A 296 24.95 -2.20 9.81
CA THR A 296 25.46 -2.62 11.15
C THR A 296 26.12 -1.46 11.89
N LYS A 297 26.06 -1.47 13.22
CA LYS A 297 26.69 -0.38 13.97
C LYS A 297 27.88 -0.86 14.74
N ASN A 298 27.67 -1.72 15.74
CA ASN A 298 28.88 -2.17 16.39
C ASN A 298 29.06 -3.65 16.45
N GLY A 299 29.13 -4.25 15.26
CA GLY A 299 29.02 -5.71 15.12
C GLY A 299 27.54 -6.04 15.00
N LYS A 300 26.75 -5.55 15.97
CA LYS A 300 25.28 -5.67 15.98
C LYS A 300 24.64 -5.11 14.72
N PHE A 301 23.57 -5.78 14.31
CA PHE A 301 22.79 -5.42 13.15
C PHE A 301 21.62 -4.47 13.51
N GLY A 302 21.18 -3.68 12.52
CA GLY A 302 20.08 -2.74 12.70
C GLY A 302 19.80 -1.88 11.46
N PHE A 303 19.06 -0.80 11.63
CA PHE A 303 18.66 0.04 10.51
C PHE A 303 18.96 1.52 10.70
N ASN A 304 19.36 2.18 9.61
CA ASN A 304 19.44 3.65 9.54
C ASN A 304 18.06 4.10 9.14
N LEU A 305 17.63 5.22 9.67
CA LEU A 305 16.27 5.64 9.39
C LEU A 305 16.15 6.72 8.30
N LEU A 306 15.40 6.38 7.25
CA LEU A 306 14.95 7.37 6.25
C LEU A 306 13.54 7.85 6.59
N VAL A 307 13.26 9.13 6.35
CA VAL A 307 12.07 9.76 6.92
C VAL A 307 11.33 10.79 6.02
N GLY A 308 10.01 10.70 5.98
CA GLY A 308 9.16 11.76 5.40
C GLY A 308 8.60 11.58 3.99
N GLY A 309 8.80 10.41 3.39
CA GLY A 309 8.47 10.21 1.98
C GLY A 309 6.98 10.17 1.81
N PHE A 310 6.47 10.80 0.75
CA PHE A 310 5.02 10.82 0.49
C PHE A 310 4.58 11.44 -0.86
N PHE A 311 3.46 10.93 -1.38
CA PHE A 311 2.77 11.51 -2.54
C PHE A 311 1.45 12.13 -2.07
N SER A 312 1.11 13.30 -2.63
CA SER A 312 -0.21 13.96 -2.39
C SER A 312 -0.67 14.74 -3.63
N ILE A 313 -1.87 15.31 -3.61
CA ILE A 313 -2.33 16.21 -4.69
C ILE A 313 -1.35 17.36 -4.82
N LYS A 314 -0.91 17.85 -3.66
CA LYS A 314 -0.25 19.13 -3.57
C LYS A 314 1.27 19.02 -3.54
N ARG A 315 1.77 17.84 -3.15
CA ARG A 315 3.20 17.68 -2.93
C ARG A 315 3.68 16.24 -3.04
N CYS A 316 4.88 16.06 -3.58
CA CYS A 316 5.58 14.79 -3.59
C CYS A 316 7.02 15.02 -3.09
N GLU A 317 7.36 14.29 -2.04
CA GLU A 317 8.65 14.43 -1.44
C GLU A 317 9.25 13.05 -1.26
N GLU A 318 10.54 12.92 -1.58
CA GLU A 318 11.32 11.70 -1.35
C GLU A 318 11.80 11.66 0.10
N ALA A 319 11.75 10.50 0.74
CA ALA A 319 12.27 10.30 2.11
C ALA A 319 13.74 10.68 2.28
N ILE A 320 14.12 11.15 3.47
CA ILE A 320 15.49 11.67 3.74
C ILE A 320 16.06 11.17 5.06
N PRO A 321 17.40 11.06 5.19
CA PRO A 321 17.99 10.52 6.42
C PRO A 321 17.53 11.34 7.62
N LEU A 322 17.09 10.66 8.67
CA LEU A 322 16.84 11.31 9.96
C LEU A 322 18.18 11.46 10.68
N ASP A 323 19.17 10.69 10.19
CA ASP A 323 20.47 10.50 10.82
C ASP A 323 20.26 9.80 12.16
N ALA A 324 19.70 8.61 12.07
CA ALA A 324 19.52 7.79 13.24
C ALA A 324 19.78 6.34 12.89
N TRP A 325 20.48 5.66 13.79
CA TRP A 325 20.58 4.20 13.74
C TRP A 325 19.88 3.59 14.94
N VAL A 326 19.36 2.41 14.69
CA VAL A 326 18.55 1.76 15.67
C VAL A 326 18.84 0.27 15.57
N SER A 327 19.03 -0.40 16.71
CA SER A 327 19.29 -1.84 16.73
C SER A 327 18.02 -2.62 16.42
N ALA A 328 18.20 -3.87 15.95
CA ALA A 328 17.10 -4.80 15.77
C ALA A 328 16.07 -4.66 16.87
N GLU A 329 16.49 -4.75 18.14
CA GLU A 329 15.52 -4.65 19.23
C GLU A 329 14.84 -3.26 19.28
N ASP A 330 15.51 -2.20 18.84
CA ASP A 330 14.88 -0.88 18.99
C ASP A 330 13.90 -0.44 17.89
N VAL A 331 13.61 -1.34 16.95
CA VAL A 331 12.76 -1.00 15.83
C VAL A 331 11.40 -0.49 16.29
N VAL A 332 10.66 -1.29 17.04
CA VAL A 332 9.35 -0.87 17.54
C VAL A 332 9.46 0.42 18.37
N PRO A 333 10.34 0.46 19.37
CA PRO A 333 10.52 1.68 20.14
C PRO A 333 10.53 2.98 19.32
N VAL A 334 11.28 3.05 18.20
CA VAL A 334 11.45 4.34 17.47
C VAL A 334 10.18 4.68 16.75
N CYS A 335 9.59 3.61 16.26
CA CYS A 335 8.38 3.72 15.53
C CYS A 335 7.33 4.28 16.49
N LYS A 336 7.30 3.71 17.69
CA LYS A 336 6.44 4.21 18.77
C LYS A 336 6.75 5.68 19.05
N ALA A 337 8.03 5.98 19.27
CA ALA A 337 8.42 7.32 19.58
C ALA A 337 8.00 8.28 18.48
N MET A 338 8.24 7.89 17.23
CA MET A 338 7.98 8.78 16.09
C MET A 338 6.50 8.99 15.80
N LEU A 339 5.73 7.92 15.88
CA LEU A 339 4.29 8.08 15.85
C LEU A 339 3.78 9.05 16.93
N GLU A 340 4.33 8.95 18.14
CA GLU A 340 3.90 9.81 19.23
C GLU A 340 4.30 11.28 18.98
N ALA A 341 5.47 11.47 18.39
CA ALA A 341 5.93 12.82 18.03
C ALA A 341 4.96 13.44 17.02
N PHE A 342 4.62 12.66 16.01
CA PHE A 342 3.65 13.04 15.01
C PHE A 342 2.29 13.35 15.67
N ARG A 343 1.67 12.35 16.27
CA ARG A 343 0.40 12.52 16.99
C ARG A 343 0.41 13.82 17.79
N ASP A 344 1.44 14.00 18.61
CA ASP A 344 1.53 15.13 19.51
C ASP A 344 1.65 16.42 18.75
N LEU A 345 2.60 16.51 17.82
CA LEU A 345 3.00 17.83 17.31
C LEU A 345 2.50 18.27 15.92
N GLY A 346 2.03 17.32 15.11
CA GLY A 346 1.64 17.57 13.74
C GLY A 346 0.52 18.57 13.57
N PHE A 347 0.51 19.24 12.43
CA PHE A 347 -0.48 20.24 12.06
C PHE A 347 -1.77 19.47 11.80
N ARG A 348 -2.91 20.13 12.02
CA ARG A 348 -4.21 19.48 11.93
C ARG A 348 -5.24 20.36 11.28
N GLY A 349 -4.79 21.46 10.68
CA GLY A 349 -5.66 22.34 9.88
C GLY A 349 -5.86 21.80 8.47
N ASN A 350 -5.58 22.63 7.46
CA ASN A 350 -5.65 22.18 6.06
C ASN A 350 -5.02 20.83 5.90
N ARG A 351 -5.83 19.92 5.38
CA ARG A 351 -5.47 18.54 5.32
C ARG A 351 -4.27 18.20 4.45
N GLN A 352 -4.06 18.96 3.36
CA GLN A 352 -2.90 18.74 2.46
C GLN A 352 -1.55 19.26 3.00
N LYS A 353 -1.56 19.70 4.26
CA LYS A 353 -0.34 20.03 4.95
C LYS A 353 -0.23 19.24 6.26
N CYS A 354 -0.64 17.97 6.23
CA CYS A 354 -0.71 17.23 7.48
C CYS A 354 0.14 15.98 7.57
N ARG A 355 0.52 15.40 6.43
CA ARG A 355 1.45 14.26 6.42
C ARG A 355 2.73 14.64 7.17
N MET A 356 3.46 13.64 7.66
CA MET A 356 4.54 13.90 8.60
C MET A 356 5.65 14.86 8.10
N MET A 357 5.93 14.83 6.80
CA MET A 357 7.01 15.67 6.25
C MET A 357 6.83 17.17 6.56
N TRP A 358 5.58 17.64 6.63
CA TRP A 358 5.28 19.05 6.92
C TRP A 358 5.74 19.46 8.30
N LEU A 359 5.33 18.70 9.31
CA LEU A 359 5.90 18.80 10.65
C LEU A 359 7.44 18.91 10.60
N ILE A 360 8.09 18.02 9.84
CA ILE A 360 9.54 18.01 9.72
C ILE A 360 10.11 19.30 9.19
N ASP A 361 9.62 19.80 8.05
CA ASP A 361 10.25 21.03 7.57
C ASP A 361 9.85 22.25 8.41
N GLU A 362 8.71 22.14 9.09
CA GLU A 362 8.30 23.18 10.03
C GLU A 362 9.33 23.31 11.15
N LEU A 363 9.74 22.21 11.76
CA LEU A 363 10.66 22.26 12.89
C LEU A 363 12.14 22.23 12.48
N GLY A 364 12.40 21.83 11.25
CA GLY A 364 13.77 21.48 10.88
C GLY A 364 14.09 20.09 11.37
N MET A 365 14.99 19.45 10.64
CA MET A 365 15.35 18.06 10.92
C MET A 365 15.81 17.81 12.36
N GLU A 366 16.77 18.61 12.81
CA GLU A 366 17.39 18.31 14.09
C GLU A 366 16.35 18.41 15.17
N ALA A 367 15.61 19.51 15.16
CA ALA A 367 14.57 19.76 16.19
C ALA A 367 13.55 18.63 16.19
N PHE A 368 13.30 18.07 15.01
CA PHE A 368 12.40 16.94 14.86
C PHE A 368 13.00 15.65 15.40
N ARG A 369 14.31 15.44 15.15
CA ARG A 369 15.02 14.30 15.68
C ARG A 369 14.95 14.38 17.19
N GLY A 370 15.39 15.53 17.73
CA GLY A 370 15.22 15.86 19.15
C GLY A 370 13.88 15.41 19.69
N GLU A 371 12.82 15.65 18.91
CA GLU A 371 11.45 15.28 19.31
C GLU A 371 11.18 13.77 19.39
N VAL A 372 11.66 13.03 18.39
CA VAL A 372 11.62 11.59 18.46
C VAL A 372 12.54 11.09 19.58
N GLU A 373 13.74 11.67 19.65
CA GLU A 373 14.77 11.20 20.57
C GLU A 373 14.21 11.22 21.96
N LYS A 374 13.71 12.39 22.37
CA LYS A 374 13.27 12.64 23.74
C LYS A 374 12.04 11.80 24.11
N ARG A 375 11.43 11.19 23.10
CA ARG A 375 10.18 10.49 23.27
C ARG A 375 10.48 9.04 23.55
N MET A 376 11.72 8.61 23.44
CA MET A 376 11.96 7.18 23.60
C MET A 376 12.61 6.69 24.88
N PRO A 377 12.47 5.38 25.14
CA PRO A 377 12.88 4.77 26.40
C PRO A 377 13.99 5.50 27.18
N GLU A 378 15.23 5.47 26.70
CA GLU A 378 16.31 6.05 27.50
C GLU A 378 16.63 7.45 27.07
N GLN A 379 15.84 7.93 26.11
CA GLN A 379 15.94 9.27 25.54
C GLN A 379 17.23 9.50 24.76
N VAL A 380 17.80 8.39 24.29
CA VAL A 380 18.91 8.42 23.34
C VAL A 380 18.51 7.71 22.04
N LEU A 381 18.78 8.38 20.94
CA LEU A 381 18.57 7.85 19.61
C LEU A 381 19.91 7.88 18.91
N GLU A 382 20.47 6.72 18.66
CA GLU A 382 21.83 6.66 18.15
C GLU A 382 21.95 7.29 16.76
N ARG A 383 23.10 7.88 16.48
CA ARG A 383 23.30 8.50 15.17
C ARG A 383 23.45 7.48 14.06
N ALA A 384 23.20 7.92 12.83
CA ALA A 384 23.28 7.04 11.67
C ALA A 384 24.71 6.56 11.51
N SER A 385 24.83 5.26 11.25
CA SER A 385 26.08 4.57 10.97
C SER A 385 26.43 4.63 9.50
N SER A 386 27.73 4.67 9.19
CA SER A 386 28.21 4.65 7.80
C SER A 386 28.25 3.25 7.15
N GLU A 387 28.12 2.20 7.95
CA GLU A 387 28.24 0.82 7.46
C GLU A 387 26.94 0.28 6.86
N GLU A 388 26.65 0.58 5.61
CA GLU A 388 25.38 0.19 5.02
C GLU A 388 25.40 -1.19 4.40
N LEU A 389 24.26 -1.87 4.51
CA LEU A 389 24.16 -3.18 3.94
C LEU A 389 23.64 -3.23 2.50
N VAL A 390 22.84 -2.27 2.03
CA VAL A 390 22.39 -2.38 0.62
C VAL A 390 23.45 -1.91 -0.34
N GLN A 391 23.57 -2.66 -1.41
CA GLN A 391 24.63 -2.49 -2.39
C GLN A 391 24.15 -1.62 -3.51
N LYS A 392 24.69 -0.43 -3.62
CA LYS A 392 24.11 0.59 -4.51
C LYS A 392 24.05 0.22 -6.01
N ASP A 393 25.16 -0.31 -6.52
CA ASP A 393 25.26 -0.72 -7.90
C ASP A 393 24.67 -2.12 -7.96
N TRP A 394 23.43 -2.23 -8.43
CA TRP A 394 22.69 -3.49 -8.41
C TRP A 394 21.47 -3.42 -9.31
N GLU A 395 21.21 -4.47 -10.08
CA GLU A 395 20.05 -4.44 -10.95
C GLU A 395 18.95 -5.36 -10.51
N ARG A 396 17.79 -4.74 -10.28
CA ARG A 396 16.53 -5.36 -9.91
C ARG A 396 16.26 -6.73 -10.54
N ARG A 397 16.17 -7.79 -9.75
CA ARG A 397 15.83 -9.11 -10.27
C ARG A 397 14.37 -9.23 -10.72
N GLU A 398 14.11 -9.93 -11.82
CA GLU A 398 12.74 -10.32 -12.12
C GLU A 398 12.27 -11.28 -11.04
N TYR A 399 11.03 -11.15 -10.60
CA TYR A 399 10.45 -12.19 -9.75
C TYR A 399 9.39 -13.01 -10.45
N LEU A 400 8.86 -12.52 -11.57
CA LEU A 400 7.86 -13.30 -12.29
C LEU A 400 8.59 -14.45 -12.91
N GLY A 401 7.99 -15.62 -12.87
CA GLY A 401 8.63 -16.81 -13.43
C GLY A 401 9.20 -17.67 -12.33
N VAL A 402 9.98 -18.67 -12.73
CA VAL A 402 10.62 -19.64 -11.82
C VAL A 402 11.99 -19.14 -11.35
N HIS A 403 12.17 -19.03 -10.04
CA HIS A 403 13.46 -18.59 -9.49
C HIS A 403 13.89 -19.42 -8.31
N PRO A 404 15.20 -19.60 -8.14
CA PRO A 404 15.72 -20.52 -7.10
C PRO A 404 15.64 -19.82 -5.75
N GLN A 405 15.37 -20.59 -4.70
CA GLN A 405 15.29 -20.02 -3.37
C GLN A 405 16.67 -20.16 -2.73
N LYS A 406 16.79 -19.76 -1.47
CA LYS A 406 18.05 -19.97 -0.75
C LYS A 406 18.04 -21.34 -0.11
N GLN A 407 16.86 -21.86 0.20
CA GLN A 407 16.68 -23.30 0.52
C GLN A 407 17.08 -24.13 -0.69
N GLN A 408 18.00 -25.08 -0.50
CA GLN A 408 18.37 -25.98 -1.60
C GLN A 408 17.14 -26.73 -2.12
N GLY A 409 17.03 -26.86 -3.45
CA GLY A 409 15.97 -27.67 -4.06
C GLY A 409 14.57 -27.08 -4.13
N LEU A 410 14.42 -25.82 -3.76
CA LEU A 410 13.15 -25.15 -3.81
C LEU A 410 13.20 -23.96 -4.74
N SER A 411 12.09 -23.68 -5.40
CA SER A 411 11.95 -22.49 -6.20
C SER A 411 10.67 -21.75 -5.88
N PHE A 412 10.69 -20.44 -6.13
CA PHE A 412 9.47 -19.65 -6.08
C PHE A 412 8.95 -19.36 -7.49
N VAL A 413 7.64 -19.25 -7.64
CA VAL A 413 7.11 -18.83 -8.92
C VAL A 413 6.28 -17.56 -8.82
N GLY A 414 6.76 -16.48 -9.43
CA GLY A 414 6.03 -15.22 -9.44
C GLY A 414 4.96 -15.32 -10.50
N LEU A 415 3.73 -14.90 -10.16
CA LEU A 415 2.59 -14.98 -11.07
C LEU A 415 2.05 -13.62 -11.43
N HIS A 416 1.55 -13.51 -12.66
CA HIS A 416 1.05 -12.23 -13.18
C HIS A 416 -0.06 -11.55 -12.38
N ILE A 417 -1.31 -11.97 -12.48
CA ILE A 417 -2.41 -11.13 -11.89
C ILE A 417 -2.58 -9.82 -12.66
N PRO A 418 -3.33 -9.85 -13.77
CA PRO A 418 -3.56 -8.68 -14.55
C PRO A 418 -4.16 -7.61 -13.66
N VAL A 419 -3.44 -6.50 -13.52
CA VAL A 419 -3.85 -5.33 -12.71
C VAL A 419 -4.25 -5.61 -11.26
N GLY A 420 -3.98 -6.81 -10.77
CA GLY A 420 -4.25 -7.12 -9.37
C GLY A 420 -5.63 -7.70 -9.08
N ARG A 421 -6.55 -7.59 -10.04
CA ARG A 421 -7.92 -8.03 -9.83
C ARG A 421 -7.99 -9.54 -9.81
N LEU A 422 -8.68 -10.06 -8.80
CA LEU A 422 -9.00 -11.48 -8.73
C LEU A 422 -10.48 -11.73 -8.42
N GLN A 423 -11.01 -12.81 -8.97
CA GLN A 423 -12.34 -13.31 -8.66
C GLN A 423 -12.34 -14.44 -7.64
N ALA A 424 -13.49 -14.68 -7.04
CA ALA A 424 -13.63 -15.65 -5.93
C ALA A 424 -13.23 -17.07 -6.31
N ASP A 425 -13.70 -17.55 -7.45
CA ASP A 425 -13.31 -18.88 -7.92
C ASP A 425 -11.77 -19.04 -8.08
N GLU A 426 -11.11 -17.98 -8.57
CA GLU A 426 -9.68 -17.99 -8.90
C GLU A 426 -8.80 -17.92 -7.67
N MET A 427 -9.32 -17.27 -6.63
CA MET A 427 -8.63 -17.17 -5.36
C MET A 427 -8.54 -18.51 -4.71
N GLU A 428 -9.62 -19.28 -4.80
CA GLU A 428 -9.62 -20.61 -4.27
C GLU A 428 -8.53 -21.46 -4.92
N GLU A 429 -8.44 -21.41 -6.24
CA GLU A 429 -7.44 -22.18 -6.97
C GLU A 429 -5.97 -21.84 -6.62
N LEU A 430 -5.65 -20.55 -6.47
CA LEU A 430 -4.32 -20.19 -5.99
C LEU A 430 -4.07 -20.85 -4.64
N ALA A 431 -5.03 -20.68 -3.73
CA ALA A 431 -4.97 -21.25 -2.41
C ALA A 431 -4.71 -22.74 -2.52
N ARG A 432 -5.46 -23.43 -3.37
CA ARG A 432 -5.28 -24.86 -3.56
C ARG A 432 -3.91 -25.15 -4.20
N ILE A 433 -3.46 -24.29 -5.09
CA ILE A 433 -2.19 -24.52 -5.71
C ILE A 433 -1.07 -24.31 -4.71
N ALA A 434 -1.26 -23.39 -3.76
CA ALA A 434 -0.22 -23.16 -2.77
C ALA A 434 -0.08 -24.38 -1.90
N ASP A 435 -1.20 -24.87 -1.38
CA ASP A 435 -1.23 -26.11 -0.63
C ASP A 435 -0.55 -27.26 -1.36
N VAL A 436 -0.96 -27.50 -2.60
CA VAL A 436 -0.52 -28.67 -3.32
C VAL A 436 0.92 -28.59 -3.81
N TYR A 437 1.40 -27.40 -4.17
CA TYR A 437 2.76 -27.30 -4.70
C TYR A 437 3.77 -26.72 -3.73
N GLY A 438 3.33 -25.71 -2.98
CA GLY A 438 4.19 -25.01 -2.04
C GLY A 438 3.96 -25.40 -0.60
N SER A 439 4.07 -24.42 0.28
CA SER A 439 4.05 -24.64 1.72
C SER A 439 2.70 -24.22 2.26
N GLY A 440 1.72 -24.17 1.37
CA GLY A 440 0.46 -23.52 1.67
C GLY A 440 0.48 -22.04 2.00
N GLU A 441 1.33 -21.25 1.34
CA GLU A 441 1.23 -19.78 1.47
C GLU A 441 1.48 -19.02 0.18
N LEU A 442 1.33 -17.70 0.21
CA LEU A 442 1.56 -16.90 -0.98
C LEU A 442 2.19 -15.58 -0.60
N ARG A 443 3.00 -15.03 -1.50
CA ARG A 443 3.54 -13.68 -1.29
C ARG A 443 2.95 -12.67 -2.25
N LEU A 444 2.17 -11.75 -1.70
CA LEU A 444 1.68 -10.60 -2.45
C LEU A 444 2.83 -9.62 -2.62
N THR A 445 2.76 -8.81 -3.68
CA THR A 445 3.80 -7.84 -3.97
C THR A 445 3.23 -6.53 -4.51
N VAL A 446 4.00 -5.49 -4.22
CA VAL A 446 3.76 -4.08 -4.54
C VAL A 446 3.56 -3.76 -6.05
N GLU A 447 3.55 -4.78 -6.89
CA GLU A 447 3.26 -4.61 -8.31
C GLU A 447 1.99 -5.39 -8.60
N GLN A 448 1.26 -5.69 -7.54
CA GLN A 448 -0.04 -6.32 -7.63
C GLN A 448 0.04 -7.70 -8.24
N ASN A 449 1.13 -8.42 -7.94
CA ASN A 449 1.21 -9.82 -8.30
C ASN A 449 1.49 -10.64 -7.07
N ILE A 450 1.34 -11.94 -7.19
CA ILE A 450 1.63 -12.82 -6.09
C ILE A 450 2.59 -13.96 -6.49
N ILE A 451 3.53 -14.28 -5.58
CA ILE A 451 4.53 -15.32 -5.74
C ILE A 451 4.14 -16.52 -4.89
N ILE A 452 4.21 -17.70 -5.51
CA ILE A 452 4.08 -18.95 -4.77
C ILE A 452 5.47 -19.41 -4.26
N PRO A 453 5.71 -19.28 -2.96
CA PRO A 453 6.99 -19.66 -2.38
C PRO A 453 7.11 -21.18 -2.11
N ASN A 454 8.34 -21.63 -1.90
CA ASN A 454 8.66 -22.97 -1.44
C ASN A 454 8.04 -24.12 -2.21
N VAL A 455 8.26 -24.20 -3.53
CA VAL A 455 7.87 -25.43 -4.23
C VAL A 455 9.09 -26.27 -4.53
N GLU A 456 8.96 -27.60 -4.42
CA GLU A 456 10.06 -28.51 -4.78
C GLU A 456 10.23 -28.49 -6.29
N ASN A 457 11.49 -28.52 -6.72
CA ASN A 457 11.85 -28.37 -8.13
C ASN A 457 11.23 -29.44 -9.01
N SER A 458 11.00 -30.60 -8.39
CA SER A 458 10.28 -31.71 -9.02
C SER A 458 8.88 -31.31 -9.45
N LYS A 459 8.23 -30.47 -8.64
CA LYS A 459 6.86 -30.11 -8.90
C LYS A 459 6.71 -28.96 -9.90
N ILE A 460 7.79 -28.24 -10.20
CA ILE A 460 7.73 -27.08 -11.13
C ILE A 460 6.92 -27.42 -12.41
N ASP A 461 7.39 -28.41 -13.17
CA ASP A 461 6.74 -28.83 -14.41
C ASP A 461 5.21 -28.90 -14.35
N SER A 462 4.69 -29.66 -13.39
CA SER A 462 3.24 -29.82 -13.21
C SER A 462 2.59 -28.47 -12.89
N LEU A 463 3.26 -27.70 -12.05
CA LEU A 463 2.74 -26.41 -11.64
C LEU A 463 2.57 -25.50 -12.86
N LEU A 464 3.61 -25.41 -13.68
CA LEU A 464 3.55 -24.58 -14.90
C LEU A 464 2.51 -25.07 -15.88
N ASN A 465 1.91 -26.21 -15.57
CA ASN A 465 0.98 -26.85 -16.47
C ASN A 465 -0.46 -26.70 -15.99
N GLU A 466 -0.65 -25.94 -14.91
CA GLU A 466 -1.97 -25.77 -14.32
C GLU A 466 -2.80 -24.78 -15.11
N PRO A 467 -4.08 -25.11 -15.34
CA PRO A 467 -5.01 -24.23 -16.01
C PRO A 467 -4.89 -22.74 -15.73
N LEU A 468 -5.06 -22.26 -14.50
CA LEU A 468 -5.05 -20.79 -14.30
C LEU A 468 -3.66 -20.22 -14.23
N LEU A 469 -2.72 -20.88 -14.87
CA LEU A 469 -1.36 -20.38 -15.00
C LEU A 469 -1.10 -20.28 -16.49
N LYS A 470 -1.73 -21.19 -17.22
CA LYS A 470 -1.70 -21.15 -18.64
C LYS A 470 -2.60 -19.99 -19.06
N GLU A 471 -3.85 -20.03 -18.57
CA GLU A 471 -4.90 -19.06 -18.92
C GLU A 471 -4.72 -17.65 -18.31
N ARG A 472 -5.28 -17.43 -17.12
CA ARG A 472 -5.35 -16.11 -16.49
C ARG A 472 -4.07 -15.53 -15.90
N TYR A 473 -3.45 -16.21 -14.93
CA TYR A 473 -2.31 -15.65 -14.19
C TYR A 473 -0.98 -16.22 -14.66
N SER A 474 -0.40 -15.65 -15.71
CA SER A 474 0.81 -16.26 -16.27
C SER A 474 2.11 -15.99 -15.51
N PRO A 475 2.89 -17.03 -15.23
CA PRO A 475 4.26 -16.85 -14.76
C PRO A 475 5.16 -16.11 -15.76
N GLU A 476 4.82 -16.16 -17.04
CA GLU A 476 5.57 -15.49 -18.10
C GLU A 476 4.64 -14.72 -19.04
N PRO A 477 4.17 -13.55 -18.62
CA PRO A 477 3.30 -12.75 -19.48
C PRO A 477 4.16 -11.96 -20.47
N PRO A 478 3.57 -11.17 -21.34
CA PRO A 478 4.38 -10.35 -22.21
C PRO A 478 5.18 -9.32 -21.39
N ILE A 479 6.14 -8.67 -22.04
CA ILE A 479 7.07 -7.88 -21.28
C ILE A 479 6.51 -6.59 -20.63
N LEU A 480 5.58 -5.86 -21.26
CA LEU A 480 5.05 -4.63 -20.64
C LEU A 480 4.12 -4.94 -19.47
N MET A 481 3.55 -6.13 -19.49
CA MET A 481 2.63 -6.56 -18.46
C MET A 481 3.40 -6.82 -17.17
N LYS A 482 4.62 -7.32 -17.33
CA LYS A 482 5.49 -7.69 -16.21
C LYS A 482 5.65 -6.60 -15.14
N GLY A 483 5.63 -5.34 -15.54
CA GLY A 483 5.79 -4.27 -14.57
C GLY A 483 4.61 -3.32 -14.58
N LEU A 484 3.41 -3.86 -14.78
CA LEU A 484 2.23 -3.02 -14.94
C LEU A 484 1.49 -2.83 -13.64
N VAL A 485 1.27 -1.58 -13.25
CA VAL A 485 0.48 -1.37 -12.07
C VAL A 485 -0.55 -0.29 -12.25
N ALA A 486 -1.70 -0.48 -11.61
CA ALA A 486 -2.79 0.46 -11.66
C ALA A 486 -3.65 0.41 -10.41
N CYS A 487 -4.20 1.57 -10.05
CA CYS A 487 -5.01 1.73 -8.86
C CYS A 487 -6.45 1.35 -9.17
N THR A 488 -7.28 1.35 -8.13
CA THR A 488 -8.68 0.94 -8.20
C THR A 488 -9.44 1.59 -9.34
N GLY A 489 -9.12 2.87 -9.59
CA GLY A 489 -9.74 3.64 -10.66
C GLY A 489 -11.16 4.03 -10.34
N SER A 490 -11.90 4.43 -11.37
CA SER A 490 -13.29 4.87 -11.19
C SER A 490 -14.25 3.70 -11.27
N GLN A 491 -13.76 2.48 -11.22
CA GLN A 491 -14.72 1.41 -11.23
C GLN A 491 -15.44 1.30 -9.88
N PHE A 492 -14.75 1.69 -8.80
CA PHE A 492 -15.30 1.53 -7.47
C PHE A 492 -14.94 2.73 -6.61
N CYS A 493 -13.87 3.41 -6.99
CA CYS A 493 -13.34 4.51 -6.20
C CYS A 493 -14.13 5.79 -6.46
N GLY A 494 -14.65 6.37 -5.39
CA GLY A 494 -15.39 7.62 -5.45
C GLY A 494 -14.57 8.78 -5.98
N GLN A 495 -13.26 8.73 -5.74
CA GLN A 495 -12.36 9.88 -5.96
C GLN A 495 -11.85 10.01 -7.40
N ALA A 496 -12.03 8.95 -8.17
CA ALA A 496 -11.33 8.76 -9.41
C ALA A 496 -11.80 9.67 -10.53
N ILE A 497 -10.87 10.31 -11.24
CA ILE A 497 -11.25 11.03 -12.48
C ILE A 497 -11.44 10.13 -13.74
N ILE A 498 -10.72 9.01 -13.82
CA ILE A 498 -10.86 8.11 -14.96
C ILE A 498 -11.01 6.68 -14.50
N GLU A 499 -11.43 5.81 -15.42
CA GLU A 499 -11.37 4.37 -15.14
C GLU A 499 -9.97 3.85 -15.51
N THR A 500 -9.36 3.04 -14.64
CA THR A 500 -7.97 2.63 -14.79
C THR A 500 -7.77 1.16 -15.16
N LYS A 501 -8.30 0.26 -14.33
CA LYS A 501 -7.87 -1.13 -14.40
C LYS A 501 -8.10 -1.74 -15.78
N ALA A 502 -9.31 -1.62 -16.30
CA ALA A 502 -9.63 -2.08 -17.66
C ALA A 502 -8.89 -1.27 -18.75
N ARG A 503 -8.91 0.06 -18.64
CA ARG A 503 -8.22 0.93 -19.58
C ARG A 503 -6.75 0.55 -19.66
N ALA A 504 -6.18 0.16 -18.51
CA ALA A 504 -4.76 -0.18 -18.46
C ALA A 504 -4.46 -1.43 -19.28
N LEU A 505 -5.29 -2.47 -19.16
CA LEU A 505 -5.05 -3.70 -19.92
C LEU A 505 -5.30 -3.47 -21.41
N LYS A 506 -6.14 -2.49 -21.76
CA LYS A 506 -6.49 -2.26 -23.18
C LYS A 506 -5.36 -1.52 -23.91
N VAL A 507 -4.77 -0.53 -23.23
CA VAL A 507 -3.70 0.32 -23.76
C VAL A 507 -2.38 -0.44 -23.83
N THR A 508 -2.14 -1.29 -22.85
CA THR A 508 -0.97 -2.14 -22.91
C THR A 508 -1.10 -3.09 -24.09
N GLU A 509 -2.28 -3.71 -24.22
CA GLU A 509 -2.56 -4.66 -25.30
C GLU A 509 -2.17 -4.12 -26.66
N GLU A 510 -2.73 -2.95 -26.95
CA GLU A 510 -2.53 -2.28 -28.23
C GLU A 510 -1.09 -1.80 -28.38
N VAL A 511 -0.40 -1.55 -27.28
CA VAL A 511 1.00 -1.12 -27.36
C VAL A 511 1.93 -2.27 -27.72
N GLN A 512 1.75 -3.44 -27.10
CA GLN A 512 2.52 -4.63 -27.50
C GLN A 512 2.30 -5.02 -28.95
N ARG A 513 1.08 -4.80 -29.44
CA ARG A 513 0.79 -4.95 -30.84
C ARG A 513 1.66 -4.06 -31.71
N LEU A 514 1.90 -2.83 -31.28
CA LEU A 514 2.51 -1.85 -32.19
C LEU A 514 4.02 -1.78 -32.09
N VAL A 515 4.55 -2.01 -30.89
CA VAL A 515 5.99 -2.09 -30.71
C VAL A 515 6.45 -3.37 -29.97
N SER A 516 7.76 -3.60 -30.00
CA SER A 516 8.39 -4.66 -29.21
C SER A 516 9.50 -4.01 -28.39
N VAL A 517 9.54 -4.33 -27.09
CA VAL A 517 10.59 -3.82 -26.20
C VAL A 517 11.37 -4.98 -25.62
N THR A 518 12.67 -4.77 -25.43
CA THR A 518 13.50 -5.74 -24.71
C THR A 518 13.69 -5.38 -23.24
N ARG A 519 13.93 -4.11 -22.92
CA ARG A 519 14.08 -3.64 -21.54
C ARG A 519 12.76 -3.86 -20.79
N PRO A 520 12.78 -4.27 -19.53
CA PRO A 520 11.53 -4.31 -18.75
C PRO A 520 11.07 -2.89 -18.55
N VAL A 521 9.79 -2.61 -18.73
CA VAL A 521 9.29 -1.25 -18.53
C VAL A 521 8.09 -1.20 -17.58
N ARG A 522 8.17 -0.22 -16.68
CA ARG A 522 7.21 -0.04 -15.63
C ARG A 522 6.25 1.13 -15.92
N MET A 523 4.99 0.79 -16.20
CA MET A 523 3.92 1.76 -16.38
C MET A 523 2.99 1.70 -15.19
N HIS A 524 2.59 2.85 -14.69
CA HIS A 524 1.68 2.95 -13.55
C HIS A 524 0.50 3.82 -13.90
N TRP A 525 -0.70 3.29 -13.74
CA TRP A 525 -1.88 4.14 -13.88
C TRP A 525 -2.38 4.51 -12.51
N THR A 526 -2.73 5.78 -12.33
CA THR A 526 -3.42 6.20 -11.14
C THR A 526 -4.58 7.09 -11.57
N GLY A 527 -5.71 6.96 -10.89
CA GLY A 527 -6.94 7.54 -11.37
C GLY A 527 -7.17 8.99 -11.00
N CYS A 528 -6.28 9.55 -10.20
CA CYS A 528 -6.48 10.88 -9.63
C CYS A 528 -5.18 11.26 -8.92
N PRO A 529 -4.93 12.57 -8.77
CA PRO A 529 -3.64 13.06 -8.25
C PRO A 529 -3.19 12.54 -6.86
N ASN A 530 -4.08 11.87 -6.12
CA ASN A 530 -3.69 11.17 -4.91
C ASN A 530 -2.52 10.22 -5.17
N SER A 531 -2.39 9.77 -6.41
CA SER A 531 -1.24 8.95 -6.86
C SER A 531 -1.11 7.56 -6.21
N CYS A 532 -2.23 6.97 -5.81
CA CYS A 532 -2.23 5.64 -5.22
C CYS A 532 -1.41 4.65 -6.02
N GLY A 533 -1.50 4.77 -7.35
CA GLY A 533 -0.81 3.91 -8.30
C GLY A 533 0.65 4.28 -8.52
N GLN A 534 1.08 5.38 -7.90
CA GLN A 534 2.50 5.71 -7.84
C GLN A 534 3.06 6.06 -9.18
N VAL A 535 2.35 6.92 -9.92
CA VAL A 535 2.87 7.39 -11.22
C VAL A 535 4.33 7.95 -11.14
N GLN A 536 4.72 8.57 -10.04
CA GLN A 536 6.03 9.20 -9.98
C GLN A 536 7.19 8.20 -9.92
N VAL A 537 6.91 6.93 -9.64
CA VAL A 537 7.98 5.94 -9.59
C VAL A 537 8.16 5.25 -10.95
N ALA A 538 7.18 5.42 -11.85
CA ALA A 538 7.12 4.67 -13.10
C ALA A 538 8.08 5.21 -14.14
N ASP A 539 8.55 4.32 -15.02
CA ASP A 539 9.20 4.69 -16.28
C ASP A 539 8.23 5.62 -17.01
N ILE A 540 6.98 5.14 -17.20
CA ILE A 540 5.91 5.89 -17.85
C ILE A 540 4.68 5.82 -16.98
N GLY A 541 4.11 6.98 -16.66
CA GLY A 541 3.01 7.06 -15.71
C GLY A 541 1.76 7.72 -16.24
N PHE A 542 0.61 7.39 -15.67
CA PHE A 542 -0.63 7.93 -16.16
C PHE A 542 -1.51 8.43 -15.06
N MET A 543 -1.60 9.76 -14.95
CA MET A 543 -2.48 10.39 -13.98
C MET A 543 -3.77 10.90 -14.60
N GLY A 544 -4.89 10.30 -14.22
CA GLY A 544 -6.18 10.70 -14.74
C GLY A 544 -6.45 12.18 -14.61
N CYS A 545 -7.01 12.74 -15.69
CA CYS A 545 -7.56 14.08 -15.70
C CYS A 545 -8.73 13.99 -16.66
N MET A 546 -9.50 15.07 -16.77
CA MET A 546 -10.51 15.19 -17.83
C MET A 546 -9.99 16.13 -18.91
N THR A 547 -10.34 15.86 -20.15
CA THR A 547 -9.96 16.74 -21.25
C THR A 547 -11.19 17.17 -22.00
N ARG A 548 -10.98 18.18 -22.86
CA ARG A 548 -12.03 18.67 -23.71
C ARG A 548 -11.53 18.77 -25.13
N ASP A 549 -12.16 18.00 -26.02
CA ASP A 549 -12.17 18.17 -27.50
C ASP A 549 -12.03 19.60 -27.97
N GLU A 550 -11.54 19.77 -29.19
CA GLU A 550 -11.64 21.06 -29.88
C GLU A 550 -13.11 21.52 -30.00
N ASN A 551 -14.05 20.58 -29.81
CA ASN A 551 -15.48 20.88 -29.71
C ASN A 551 -16.02 20.99 -28.27
N GLY A 552 -15.16 20.71 -27.29
CA GLY A 552 -15.48 20.93 -25.88
C GLY A 552 -16.02 19.70 -25.20
N LYS A 553 -15.79 18.55 -25.80
CA LYS A 553 -16.39 17.35 -25.29
C LYS A 553 -15.49 16.68 -24.28
N PRO A 554 -16.05 16.45 -23.10
CA PRO A 554 -15.34 15.87 -21.99
C PRO A 554 -14.92 14.45 -22.30
N CYS A 555 -13.62 14.20 -22.30
CA CYS A 555 -13.09 12.87 -22.56
C CYS A 555 -12.08 12.49 -21.49
N GLU A 556 -12.19 11.27 -20.95
CA GLU A 556 -11.21 10.79 -19.98
C GLU A 556 -9.82 10.84 -20.62
N GLY A 557 -8.86 11.37 -19.90
CA GLY A 557 -7.48 11.43 -20.39
C GLY A 557 -6.50 11.44 -19.24
N ALA A 558 -5.21 11.39 -19.55
CA ALA A 558 -4.22 11.30 -18.51
C ALA A 558 -3.01 12.20 -18.73
N ASP A 559 -2.45 12.72 -17.64
CA ASP A 559 -1.13 13.32 -17.70
C ASP A 559 -0.11 12.19 -17.80
N VAL A 560 0.87 12.34 -18.68
CA VAL A 560 1.88 11.31 -18.82
C VAL A 560 3.20 11.73 -18.19
N PHE A 561 3.62 10.92 -17.23
CA PHE A 561 4.86 11.11 -16.49
C PHE A 561 5.94 10.26 -17.08
N VAL A 562 7.10 10.86 -17.37
CA VAL A 562 8.26 10.05 -17.74
C VAL A 562 9.39 10.24 -16.73
N GLY A 563 10.29 9.27 -16.66
CA GLY A 563 11.58 9.43 -15.98
C GLY A 563 11.74 9.03 -14.52
N GLY A 564 10.70 8.51 -13.88
CA GLY A 564 10.79 8.06 -12.48
C GLY A 564 11.65 6.82 -12.36
N ARG A 565 12.42 6.70 -11.26
CA ARG A 565 13.40 5.62 -11.11
C ARG A 565 13.34 4.88 -9.79
N ILE A 566 13.52 3.57 -9.87
CA ILE A 566 13.35 2.63 -8.76
C ILE A 566 14.72 2.25 -8.19
N GLY A 567 14.76 1.70 -6.97
CA GLY A 567 15.99 1.15 -6.39
C GLY A 567 16.92 2.18 -5.75
N SER A 568 18.19 1.82 -5.59
CA SER A 568 19.22 2.66 -4.92
C SER A 568 19.48 4.08 -5.53
N ASP A 569 19.35 4.23 -6.83
CA ASP A 569 19.49 5.55 -7.44
C ASP A 569 18.09 6.03 -7.88
N SER A 570 17.20 6.14 -6.89
CA SER A 570 15.79 6.50 -7.12
C SER A 570 15.60 7.95 -7.47
N HIS A 571 14.58 8.21 -8.28
CA HIS A 571 14.26 9.54 -8.71
C HIS A 571 12.73 9.58 -8.88
N LEU A 572 12.17 10.79 -8.85
CA LEU A 572 10.75 10.99 -9.14
C LEU A 572 10.53 11.49 -10.57
N GLY A 573 9.53 10.94 -11.24
CA GLY A 573 9.24 11.30 -12.63
C GLY A 573 8.58 12.65 -12.77
N ASP A 574 8.71 13.23 -13.95
CA ASP A 574 8.14 14.54 -14.25
C ASP A 574 7.03 14.40 -15.26
N ILE A 575 6.00 15.23 -15.09
CA ILE A 575 4.95 15.45 -16.11
C ILE A 575 5.68 15.64 -17.42
N TYR A 576 5.31 14.87 -18.44
CA TYR A 576 6.08 14.98 -19.67
C TYR A 576 5.29 15.46 -20.85
N LYS A 577 4.06 15.00 -20.94
CA LYS A 577 3.11 15.61 -21.82
C LYS A 577 1.81 15.69 -21.01
N LYS A 578 1.17 16.84 -21.07
CA LYS A 578 0.05 17.16 -20.20
C LYS A 578 -1.27 16.91 -20.93
N ALA A 579 -2.23 16.31 -20.24
CA ALA A 579 -3.61 16.18 -20.72
C ALA A 579 -3.79 15.43 -22.04
N VAL A 580 -3.22 14.23 -22.12
CA VAL A 580 -3.38 13.39 -23.31
C VAL A 580 -4.73 12.69 -23.23
N PRO A 581 -5.58 12.86 -24.26
CA PRO A 581 -6.92 12.24 -24.29
C PRO A 581 -6.80 10.77 -24.55
N CYS A 582 -7.79 10.01 -24.08
CA CYS A 582 -7.66 8.56 -24.12
C CYS A 582 -7.52 7.92 -25.50
N LYS A 583 -8.06 8.55 -26.52
CA LYS A 583 -7.91 8.04 -27.89
C LYS A 583 -6.50 8.24 -28.45
N ASP A 584 -5.85 9.33 -28.04
CA ASP A 584 -4.49 9.65 -28.48
C ASP A 584 -3.43 9.04 -27.59
N LEU A 585 -3.85 8.30 -26.57
CA LEU A 585 -2.92 7.78 -25.57
C LEU A 585 -1.91 6.76 -26.09
N VAL A 586 -2.34 5.84 -26.94
CA VAL A 586 -1.47 4.78 -27.43
C VAL A 586 -0.30 5.28 -28.29
N PRO A 587 -0.59 6.12 -29.28
CA PRO A 587 0.49 6.74 -30.08
C PRO A 587 1.57 7.38 -29.22
N VAL A 588 1.14 8.07 -28.16
CA VAL A 588 2.04 8.87 -27.32
C VAL A 588 2.98 7.95 -26.58
N VAL A 589 2.42 6.85 -26.09
CA VAL A 589 3.17 5.84 -25.35
C VAL A 589 4.17 5.15 -26.28
N ALA A 590 3.70 4.73 -27.45
CA ALA A 590 4.53 4.09 -28.45
C ALA A 590 5.71 4.99 -28.77
N GLU A 591 5.42 6.25 -29.03
CA GLU A 591 6.46 7.17 -29.39
C GLU A 591 7.47 7.42 -28.27
N ILE A 592 7.06 7.21 -27.02
CA ILE A 592 7.98 7.35 -25.89
C ILE A 592 8.80 6.10 -25.80
N LEU A 593 8.12 4.96 -25.98
CA LEU A 593 8.78 3.67 -25.95
C LEU A 593 9.93 3.61 -26.97
N ILE A 594 9.68 4.04 -28.19
CA ILE A 594 10.73 3.98 -29.21
C ILE A 594 11.81 5.02 -28.93
N ASN A 595 11.42 6.18 -28.43
CA ASN A 595 12.41 7.25 -28.22
C ASN A 595 13.24 7.21 -26.94
N GLN A 596 12.70 6.61 -25.86
CA GLN A 596 13.38 6.57 -24.57
C GLN A 596 13.57 5.18 -24.00
N PHE A 597 13.07 4.15 -24.67
CA PHE A 597 13.24 2.78 -24.19
C PHE A 597 13.63 1.75 -25.27
N GLY A 598 14.32 2.20 -26.33
CA GLY A 598 14.90 1.33 -27.35
C GLY A 598 13.95 0.29 -27.91
N ALA A 599 12.69 0.68 -28.06
CA ALA A 599 11.69 -0.20 -28.63
C ALA A 599 11.68 -0.02 -30.13
N VAL A 600 11.18 -1.03 -30.83
CA VAL A 600 11.14 -1.07 -32.28
C VAL A 600 9.70 -1.20 -32.77
N PRO A 601 9.32 -0.44 -33.79
CA PRO A 601 8.09 -0.68 -34.53
C PRO A 601 7.94 -2.12 -35.00
N ARG A 602 6.70 -2.55 -35.26
CA ARG A 602 6.36 -3.83 -35.89
C ARG A 602 6.11 -4.94 -34.84
FE1 SF4 B . -6.82 5.64 -7.64
FE2 SF4 B . -7.12 8.31 -6.94
FE3 SF4 B . -6.26 6.48 -5.22
FE4 SF4 B . -8.80 6.36 -5.99
S1 SF4 B . -7.88 8.05 -4.77
S2 SF4 B . -7.43 4.55 -5.72
S3 SF4 B . -8.55 7.05 -8.17
S4 SF4 B . -5.16 7.16 -7.11
FE SRM C . -4.52 5.44 -1.59
CHA SRM C . -7.03 7.60 -0.91
CHB SRM C . -6.74 3.02 -2.04
CHC SRM C . -1.99 3.27 -2.29
CHD SRM C . -2.27 7.87 -1.23
NA SRM C . -6.49 5.35 -1.51
C1A SRM C . -7.38 6.32 -1.19
C2A SRM C . -8.79 5.80 -1.14
CMA SRM C . -9.17 5.41 0.28
CDA SRM C . -9.77 6.82 -1.73
CEA SRM C . -11.18 6.63 -1.23
O3A SRM C . -11.73 7.46 -0.46
O4A SRM C . -11.81 5.61 -1.56
C3A SRM C . -8.63 4.64 -2.04
CAA SRM C . -9.55 3.47 -1.75
CBA SRM C . -10.09 3.20 -3.15
CCA SRM C . -10.74 1.83 -3.33
O1A SRM C . -12.00 1.71 -3.16
O2A SRM C . -10.07 0.82 -3.66
C4A SRM C . -7.23 4.26 -1.73
NB SRM C . -4.40 3.56 -2.08
C1B SRM C . -5.42 2.70 -2.25
C2B SRM C . -4.97 1.49 -3.04
CMB SRM C . -5.85 0.25 -2.75
CDB SRM C . -4.86 1.65 -4.55
CEB SRM C . -4.64 0.28 -5.18
O3B SRM C . -5.40 -0.11 -6.06
O4B SRM C . -3.72 -0.51 -4.85
C3B SRM C . -3.59 1.41 -2.55
CAB SRM C . -3.56 1.09 -1.04
CBB SRM C . -3.13 -0.28 -0.50
CCB SRM C . -3.03 -0.32 1.02
O1B SRM C . -2.89 0.73 1.70
O2B SRM C . -3.08 -1.40 1.64
C4B SRM C . -3.28 2.83 -2.33
NC SRM C . -2.54 5.53 -1.72
C1C SRM C . -1.66 4.54 -2.01
C2C SRM C . -0.24 4.98 -2.03
CDC SRM C . 0.97 4.15 -2.33
CEC SRM C . 1.67 3.67 -1.09
O3C SRM C . 1.16 3.74 0.07
O4C SRM C . 2.82 3.21 -1.26
C3C SRM C . -0.30 6.40 -1.69
CAC SRM C . 0.85 7.40 -1.58
CBC SRM C . 1.82 7.25 -0.42
CCC SRM C . 1.47 8.41 0.46
O1C SRM C . 0.53 8.28 1.26
O2C SRM C . 2.07 9.51 0.38
C4C SRM C . -1.77 6.63 -1.55
ND SRM C . -4.62 7.34 -1.15
C1D SRM C . -3.59 8.20 -1.04
C2D SRM C . -3.97 9.58 -0.67
CAD SRM C . -3.04 10.78 -0.48
CBD SRM C . -2.63 11.23 0.93
CCD SRM C . -2.35 12.74 0.92
O1D SRM C . -1.67 13.31 1.82
O2D SRM C . -2.80 13.45 -0.03
C3D SRM C . -5.42 9.47 -0.60
CDD SRM C . -6.42 10.54 -0.26
CED SRM C . -6.23 10.80 1.23
O3D SRM C . -5.82 9.93 2.06
O4D SRM C . -6.49 11.96 1.63
C4D SRM C . -5.74 8.06 -0.90
#